data_5E2P
#
_entry.id   5E2P
#
_cell.length_a   78.800
_cell.length_b   78.800
_cell.length_c   106.600
_cell.angle_alpha   90.000
_cell.angle_beta   90.000
_cell.angle_gamma   120.000
#
_symmetry.space_group_name_H-M   'P 32 2 1'
#
loop_
_entity.id
_entity.type
_entity.pdbx_description
1 polymer 'Coagulation factor XIa light chain'
2 non-polymer N-[(1S)-1-benzyl-2-[2-[5-chloro-2-(tetrazol-1-yl)phenyl]ethylamino]-2-oxo-ethyl]-4-hydroxy-2-oxo-1H-quinoline-6-carboxamide
3 non-polymer 'SULFATE ION'
4 non-polymer 1,2-ETHANEDIOL
5 water water
#
_entity_poly.entity_id   1
_entity_poly.type   'polypeptide(L)'
_entity_poly.pdbx_seq_one_letter_code
;IVGGTASVRGEWPWQVTLHTTSPTQRHLCGGSIIGNQWILTAAHCFYGVESPKILRVYSGILNQSEIKEDTSFFGVQEII
IHDQYKMAESGYDIALLKLETTVGYGDSQRPICLPSKGDRNVIYTDCWVTGWGYRKLRDKIQNTLQKAKIPLVTNEECQK
RYRGHKITHKMICAGYREGGKDACKGDSGGPLSCKHNEVWHLVGITSWGEGCAQRERPGVYTNVVEYVDWILEKTQAVHH
HHHH
;
_entity_poly.pdbx_strand_id   A
#
loop_
_chem_comp.id
_chem_comp.type
_chem_comp.name
_chem_comp.formula
7P0 non-polymer N-[(1S)-1-benzyl-2-[2-[5-chloro-2-(tetrazol-1-yl)phenyl]ethylamino]-2-oxo-ethyl]-4-hydroxy-2-oxo-1H-quinoline-6-carboxamide 'C28 H24 Cl N7 O4'
EDO non-polymer 1,2-ETHANEDIOL 'C2 H6 O2'
SO4 non-polymer 'SULFATE ION' 'O4 S -2'
#
# COMPACT_ATOMS: atom_id res chain seq x y z
N ILE A 1 11.51 -0.83 -2.33
CA ILE A 1 11.89 -0.52 -0.96
C ILE A 1 13.40 -0.25 -0.91
N VAL A 2 13.79 0.89 -0.36
CA VAL A 2 15.20 1.28 -0.19
C VAL A 2 15.63 0.76 1.19
N GLY A 3 16.81 0.13 1.27
CA GLY A 3 17.39 -0.36 2.51
C GLY A 3 16.58 -1.41 3.23
N GLY A 4 15.86 -2.23 2.47
CA GLY A 4 15.05 -3.31 3.01
C GLY A 4 15.73 -4.65 2.85
N THR A 5 15.09 -5.73 3.31
CA THR A 5 15.61 -7.09 3.18
C THR A 5 14.51 -7.98 2.62
N ALA A 6 14.90 -9.11 2.06
CA ALA A 6 13.96 -10.07 1.50
C ALA A 6 12.97 -10.49 2.57
N SER A 7 11.68 -10.60 2.20
CA SER A 7 10.69 -11.11 3.13
C SER A 7 10.78 -12.64 3.12
N VAL A 8 10.15 -13.28 4.10
CA VAL A 8 10.05 -14.73 4.17
C VAL A 8 8.62 -15.04 3.61
N ARG A 9 8.43 -16.20 2.94
CA ARG A 9 7.13 -16.58 2.40
C ARG A 9 6.11 -16.65 3.55
N GLY A 10 4.95 -16.01 3.35
CA GLY A 10 3.86 -15.95 4.32
C GLY A 10 3.99 -14.86 5.37
N GLU A 11 5.04 -14.03 5.27
CA GLU A 11 5.27 -12.95 6.22
C GLU A 11 4.23 -11.83 6.17
N TRP A 12 3.82 -11.41 4.98
CA TRP A 12 2.85 -10.30 4.84
C TRP A 12 1.71 -10.87 4.01
N PRO A 13 0.90 -11.80 4.57
CA PRO A 13 -0.09 -12.51 3.73
C PRO A 13 -1.22 -11.66 3.13
N TRP A 14 -1.37 -10.41 3.62
CA TRP A 14 -2.34 -9.45 3.09
C TRP A 14 -1.78 -8.69 1.86
N GLN A 15 -0.45 -8.73 1.65
CA GLN A 15 0.22 -8.06 0.52
C GLN A 15 -0.13 -8.71 -0.82
N VAL A 16 -0.54 -7.87 -1.81
CA VAL A 16 -0.82 -8.35 -3.15
C VAL A 16 0.01 -7.56 -4.16
N THR A 17 0.17 -8.11 -5.34
CA THR A 17 0.78 -7.46 -6.50
C THR A 17 -0.35 -7.30 -7.50
N LEU A 18 -0.62 -6.05 -7.86
CA LEU A 18 -1.62 -5.69 -8.84
C LEU A 18 -0.84 -5.55 -10.14
N HIS A 19 -1.19 -6.36 -11.14
CA HIS A 19 -0.60 -6.35 -12.48
C HIS A 19 -1.55 -5.75 -13.48
N THR A 20 -1.00 -5.27 -14.57
CA THR A 20 -1.74 -4.71 -15.68
C THR A 20 -1.32 -5.53 -16.90
N THR A 21 -2.25 -5.79 -17.84
CA THR A 21 -2.01 -6.53 -19.10
C THR A 21 -1.90 -5.58 -20.32
N SER A 22 -2.16 -4.26 -20.13
CA SER A 22 -2.09 -3.18 -21.13
C SER A 22 -0.98 -2.16 -20.85
N PRO A 23 -0.04 -1.93 -21.81
CA PRO A 23 0.11 -2.60 -23.12
C PRO A 23 0.69 -4.02 -23.02
N THR A 24 1.55 -4.25 -22.01
CA THR A 24 2.23 -5.51 -21.69
C THR A 24 2.01 -5.86 -20.21
N GLN A 25 2.12 -7.15 -19.87
CA GLN A 25 1.96 -7.60 -18.50
C GLN A 25 3.13 -7.14 -17.64
N ARG A 26 2.81 -6.40 -16.55
CA ARG A 26 3.82 -5.88 -15.62
C ARG A 26 3.16 -5.66 -14.27
N HIS A 27 3.98 -5.57 -13.21
CA HIS A 27 3.53 -5.20 -11.87
C HIS A 27 3.19 -3.71 -11.98
N LEU A 28 2.03 -3.30 -11.45
CA LEU A 28 1.58 -1.92 -11.44
C LEU A 28 1.72 -1.28 -10.05
N CYS A 29 1.11 -1.94 -9.04
CA CYS A 29 1.06 -1.40 -7.68
C CYS A 29 0.97 -2.52 -6.69
N GLY A 30 1.20 -2.16 -5.44
CA GLY A 30 0.94 -3.02 -4.30
C GLY A 30 -0.49 -2.80 -3.86
N GLY A 31 -0.95 -3.61 -2.91
CA GLY A 31 -2.30 -3.55 -2.38
C GLY A 31 -2.38 -4.45 -1.17
N SER A 32 -3.47 -4.34 -0.44
CA SER A 32 -3.72 -5.13 0.77
C SER A 32 -5.10 -5.78 0.72
N ILE A 33 -5.17 -7.07 1.06
CA ILE A 33 -6.44 -7.81 1.23
C ILE A 33 -7.07 -7.27 2.53
N ILE A 34 -8.28 -6.76 2.45
CA ILE A 34 -8.96 -6.26 3.64
C ILE A 34 -10.31 -6.99 3.92
N GLY A 35 -10.77 -7.77 2.95
CA GLY A 35 -12.01 -8.55 2.97
C GLY A 35 -11.91 -9.64 1.91
N ASN A 36 -12.88 -10.57 1.87
CA ASN A 36 -12.75 -11.72 0.94
C ASN A 36 -12.97 -11.34 -0.51
N GLN A 37 -13.40 -10.11 -0.79
CA GLN A 37 -13.45 -9.70 -2.19
C GLN A 37 -12.97 -8.25 -2.36
N TRP A 38 -12.11 -7.81 -1.43
CA TRP A 38 -11.67 -6.41 -1.35
C TRP A 38 -10.20 -6.22 -1.16
N ILE A 39 -9.63 -5.39 -2.04
CA ILE A 39 -8.22 -4.96 -1.99
C ILE A 39 -8.24 -3.45 -1.76
N LEU A 40 -7.43 -2.99 -0.78
CA LEU A 40 -7.24 -1.56 -0.53
C LEU A 40 -5.91 -1.15 -1.14
N THR A 41 -5.92 -0.06 -1.92
CA THR A 41 -4.75 0.39 -2.63
C THR A 41 -4.82 1.89 -2.80
N ALA A 42 -3.92 2.45 -3.61
CA ALA A 42 -3.85 3.91 -3.86
C ALA A 42 -4.59 4.28 -5.11
N ALA A 43 -5.24 5.45 -5.10
CA ALA A 43 -5.98 5.96 -6.23
C ALA A 43 -5.08 6.31 -7.38
N HIS A 44 -3.84 6.79 -7.12
CA HIS A 44 -2.93 7.23 -8.20
C HIS A 44 -2.48 6.10 -9.11
N CYS A 45 -2.64 4.85 -8.65
CA CYS A 45 -2.29 3.65 -9.42
C CYS A 45 -3.09 3.54 -10.72
N PHE A 46 -4.31 4.11 -10.75
CA PHE A 46 -5.24 3.95 -11.87
C PHE A 46 -5.21 5.11 -12.86
N TYR A 47 -4.18 5.97 -12.78
CA TYR A 47 -4.05 7.08 -13.72
C TYR A 47 -3.98 6.45 -15.14
N GLY A 48 -4.90 6.85 -16.02
CA GLY A 48 -4.97 6.30 -17.38
C GLY A 48 -5.50 4.87 -17.54
N VAL A 49 -5.87 4.18 -16.42
CA VAL A 49 -6.46 2.82 -16.45
C VAL A 49 -7.94 3.06 -16.80
N GLU A 50 -8.33 2.67 -18.01
CA GLU A 50 -9.67 2.91 -18.55
C GLU A 50 -10.72 1.84 -18.20
N SER A 51 -10.25 0.63 -17.85
CA SER A 51 -11.15 -0.47 -17.56
C SER A 51 -10.58 -1.38 -16.46
N PRO A 52 -11.44 -2.02 -15.63
CA PRO A 52 -10.91 -2.99 -14.65
C PRO A 52 -10.48 -4.31 -15.31
N LYS A 53 -10.84 -4.50 -16.59
CA LYS A 53 -10.57 -5.70 -17.41
C LYS A 53 -9.09 -5.95 -17.68
N ILE A 54 -8.25 -4.92 -17.57
CA ILE A 54 -6.79 -5.02 -17.81
C ILE A 54 -6.00 -5.34 -16.55
N LEU A 55 -6.67 -5.46 -15.41
CA LEU A 55 -6.05 -5.69 -14.11
C LEU A 55 -6.13 -7.14 -13.65
N ARG A 56 -5.08 -7.61 -12.96
CA ARG A 56 -5.00 -8.96 -12.36
C ARG A 56 -4.39 -8.79 -10.97
N VAL A 57 -5.03 -9.36 -9.96
CA VAL A 57 -4.57 -9.34 -8.57
C VAL A 57 -4.00 -10.72 -8.24
N TYR A 58 -2.76 -10.74 -7.74
CA TYR A 58 -2.10 -11.98 -7.32
C TYR A 58 -1.82 -11.87 -5.83
N SER A 59 -2.33 -12.84 -5.07
CA SER A 59 -2.14 -12.97 -3.64
C SER A 59 -1.24 -14.19 -3.41
N GLY A 60 -0.63 -14.30 -2.24
CA GLY A 60 0.24 -15.41 -1.87
C GLY A 60 1.48 -15.52 -2.73
N ILE A 61 2.01 -14.35 -3.15
CA ILE A 61 3.20 -14.25 -3.98
C ILE A 61 4.33 -13.74 -3.12
N LEU A 62 5.49 -14.46 -3.14
CA LEU A 62 6.68 -13.96 -2.52
C LEU A 62 7.51 -13.35 -3.67
N ASN A 63 7.72 -14.17 -4.72
CA ASN A 63 8.52 -13.83 -5.89
C ASN A 63 7.71 -13.54 -7.13
N GLN A 64 8.02 -12.46 -7.85
CA GLN A 64 7.35 -12.12 -9.11
C GLN A 64 7.52 -13.23 -10.14
N SER A 65 8.63 -13.99 -10.09
CA SER A 65 8.90 -15.13 -11.01
C SER A 65 7.87 -16.27 -10.86
N GLU A 66 7.03 -16.23 -9.79
CA GLU A 66 5.95 -17.21 -9.56
C GLU A 66 4.82 -16.95 -10.55
N ILE A 67 4.77 -15.73 -11.15
CA ILE A 67 3.72 -15.30 -12.05
C ILE A 67 4.03 -15.61 -13.50
N LYS A 68 3.22 -16.53 -14.08
CA LYS A 68 3.29 -16.92 -15.47
C LYS A 68 1.86 -16.88 -15.96
N GLU A 69 1.62 -17.19 -17.24
CA GLU A 69 0.28 -17.23 -17.84
C GLU A 69 -0.64 -18.26 -17.17
N ASP A 70 -0.08 -19.31 -16.58
CA ASP A 70 -0.86 -20.37 -15.92
C ASP A 70 -1.09 -20.11 -14.43
N THR A 71 -0.57 -18.98 -13.91
CA THR A 71 -0.70 -18.60 -12.50
C THR A 71 -2.07 -18.08 -12.25
N SER A 72 -2.71 -18.55 -11.17
CA SER A 72 -4.05 -18.09 -10.81
C SER A 72 -4.01 -16.66 -10.28
N PHE A 73 -5.06 -15.90 -10.56
CA PHE A 73 -5.20 -14.52 -10.12
C PHE A 73 -6.69 -14.23 -9.87
N PHE A 74 -6.99 -13.02 -9.38
CA PHE A 74 -8.34 -12.50 -9.18
C PHE A 74 -8.56 -11.38 -10.19
N GLY A 75 -9.70 -11.47 -10.88
CA GLY A 75 -10.13 -10.43 -11.79
C GLY A 75 -10.74 -9.32 -10.96
N VAL A 76 -10.76 -8.11 -11.51
CA VAL A 76 -11.30 -6.95 -10.82
C VAL A 76 -12.65 -6.64 -11.47
N GLN A 77 -13.69 -6.61 -10.64
CA GLN A 77 -15.06 -6.37 -11.03
C GLN A 77 -15.27 -4.86 -11.13
N GLU A 78 -14.76 -4.14 -10.14
CA GLU A 78 -14.94 -2.71 -10.01
C GLU A 78 -13.73 -2.04 -9.35
N ILE A 79 -13.40 -0.83 -9.83
CA ILE A 79 -12.38 0.05 -9.27
C ILE A 79 -13.20 1.17 -8.60
N ILE A 80 -13.07 1.34 -7.27
CA ILE A 80 -13.73 2.41 -6.53
C ILE A 80 -12.64 3.37 -6.03
N ILE A 81 -12.57 4.58 -6.61
CA ILE A 81 -11.61 5.63 -6.26
C ILE A 81 -12.34 6.67 -5.40
N HIS A 82 -11.72 7.15 -4.31
CA HIS A 82 -12.34 8.16 -3.47
C HIS A 82 -12.75 9.36 -4.37
N ASP A 83 -14.00 9.85 -4.26
CA ASP A 83 -14.44 10.86 -5.21
C ASP A 83 -13.87 12.27 -4.95
N GLN A 84 -13.12 12.47 -3.86
CA GLN A 84 -12.47 13.74 -3.59
C GLN A 84 -11.03 13.71 -4.09
N TYR A 85 -10.55 12.54 -4.55
CA TYR A 85 -9.17 12.37 -5.03
C TYR A 85 -8.91 13.19 -6.28
N LYS A 86 -7.83 13.98 -6.27
CA LYS A 86 -7.34 14.76 -7.41
C LYS A 86 -5.93 14.28 -7.71
N MET A 87 -5.07 14.24 -6.68
CA MET A 87 -3.69 13.77 -6.83
C MET A 87 -3.16 13.30 -5.48
N ALA A 88 -2.13 12.44 -5.47
CA ALA A 88 -1.53 11.90 -4.24
C ALA A 88 -1.14 12.99 -3.29
N GLU A 89 -0.49 14.05 -3.80
CA GLU A 89 0.01 15.17 -2.98
C GLU A 89 -1.07 15.95 -2.27
N SER A 90 -2.32 15.87 -2.77
CA SER A 90 -3.44 16.55 -2.14
C SER A 90 -4.26 15.64 -1.17
N GLY A 91 -3.97 14.34 -1.15
CA GLY A 91 -4.74 13.43 -0.28
C GLY A 91 -5.85 12.69 -0.98
N TYR A 92 -6.68 11.97 -0.18
CA TYR A 92 -7.77 11.13 -0.65
C TYR A 92 -7.22 10.07 -1.57
N ASP A 93 -5.92 9.71 -1.37
CA ASP A 93 -5.25 8.74 -2.25
C ASP A 93 -5.53 7.32 -1.81
N ILE A 94 -6.78 6.91 -2.06
CA ILE A 94 -7.27 5.62 -1.65
C ILE A 94 -8.27 5.08 -2.67
N ALA A 95 -8.22 3.75 -2.89
CA ALA A 95 -9.11 3.06 -3.80
C ALA A 95 -9.36 1.64 -3.30
N LEU A 96 -10.48 1.06 -3.70
CA LEU A 96 -10.88 -0.30 -3.41
C LEU A 96 -11.07 -1.04 -4.72
N LEU A 97 -10.64 -2.28 -4.75
CA LEU A 97 -10.85 -3.13 -5.91
C LEU A 97 -11.80 -4.19 -5.43
N LYS A 98 -12.97 -4.32 -6.08
CA LYS A 98 -13.92 -5.38 -5.76
C LYS A 98 -13.53 -6.50 -6.69
N LEU A 99 -13.21 -7.66 -6.14
CA LEU A 99 -12.75 -8.80 -6.92
C LEU A 99 -13.96 -9.57 -7.49
N GLU A 100 -13.78 -10.19 -8.67
CA GLU A 100 -14.84 -10.96 -9.36
C GLU A 100 -15.15 -12.25 -8.63
N THR A 101 -14.18 -12.80 -7.87
CA THR A 101 -14.33 -14.03 -7.08
C THR A 101 -13.80 -13.77 -5.67
N THR A 102 -14.18 -14.61 -4.70
CA THR A 102 -13.71 -14.44 -3.32
C THR A 102 -12.36 -15.13 -3.09
N VAL A 103 -11.52 -14.48 -2.28
CA VAL A 103 -10.25 -14.97 -1.81
C VAL A 103 -10.54 -16.04 -0.74
N GLY A 104 -9.91 -17.20 -0.88
CA GLY A 104 -9.98 -18.28 0.11
C GLY A 104 -8.85 -18.02 1.08
N TYR A 105 -9.18 -17.73 2.36
CA TYR A 105 -8.15 -17.46 3.37
C TYR A 105 -7.34 -18.71 3.73
N GLY A 106 -6.05 -18.52 3.99
CA GLY A 106 -5.15 -19.62 4.32
C GLY A 106 -3.86 -19.08 4.86
N ASP A 107 -2.84 -19.94 4.98
CA ASP A 107 -1.55 -19.51 5.53
C ASP A 107 -0.76 -18.62 4.57
N SER A 108 -1.14 -18.54 3.26
CA SER A 108 -0.47 -17.69 2.26
C SER A 108 -1.20 -16.38 1.91
N GLN A 109 -2.50 -16.28 2.28
CA GLN A 109 -3.35 -15.13 1.97
C GLN A 109 -4.45 -14.99 2.98
N ARG A 110 -4.49 -13.85 3.63
CA ARG A 110 -5.49 -13.54 4.65
C ARG A 110 -5.61 -12.02 4.75
N PRO A 111 -6.69 -11.48 5.39
CA PRO A 111 -6.83 -10.03 5.48
C PRO A 111 -6.09 -9.37 6.64
N ILE A 112 -5.72 -8.10 6.48
CA ILE A 112 -5.10 -7.35 7.58
C ILE A 112 -6.29 -6.53 8.19
N CYS A 113 -6.28 -6.33 9.53
CA CYS A 113 -7.32 -5.57 10.22
C CYS A 113 -7.13 -4.09 9.90
N LEU A 114 -8.22 -3.38 9.81
CA LEU A 114 -8.17 -1.94 9.60
C LEU A 114 -7.93 -1.33 10.98
N PRO A 115 -7.38 -0.11 11.10
CA PRO A 115 -7.18 0.45 12.44
C PRO A 115 -8.51 0.73 13.12
N SER A 116 -8.57 0.55 14.44
CA SER A 116 -9.79 0.82 15.20
C SER A 116 -9.86 2.33 15.39
N LYS A 117 -11.03 2.94 15.04
CA LYS A 117 -11.28 4.39 15.14
C LYS A 117 -11.04 4.93 16.56
N GLY A 118 -11.26 4.07 17.56
CA GLY A 118 -11.00 4.37 18.97
C GLY A 118 -9.51 4.44 19.29
N ASP A 119 -8.68 3.81 18.42
CA ASP A 119 -7.23 3.76 18.55
C ASP A 119 -6.50 4.79 17.66
N ARG A 120 -7.09 6.00 17.48
CA ARG A 120 -6.41 7.06 16.74
C ARG A 120 -5.34 7.69 17.68
N ASN A 121 -5.51 7.42 19.00
CA ASN A 121 -4.68 7.86 20.13
C ASN A 121 -3.64 6.81 20.57
N VAL A 122 -3.23 5.89 19.66
CA VAL A 122 -2.20 4.88 19.96
C VAL A 122 -0.91 5.20 19.19
N ILE A 123 0.23 4.95 19.85
CA ILE A 123 1.56 5.21 19.29
C ILE A 123 2.07 3.89 18.72
N TYR A 124 2.29 3.86 17.40
CA TYR A 124 2.78 2.65 16.74
C TYR A 124 4.29 2.71 16.66
N THR A 125 4.95 1.69 17.23
CA THR A 125 6.41 1.62 17.32
C THR A 125 7.01 0.50 16.48
N ASP A 126 6.17 -0.36 15.90
CA ASP A 126 6.61 -1.49 15.10
C ASP A 126 5.89 -1.47 13.71
N CYS A 127 6.35 -0.57 12.81
CA CYS A 127 5.79 -0.35 11.48
C CYS A 127 6.70 -0.75 10.37
N TRP A 128 6.16 -1.42 9.37
CA TRP A 128 6.92 -1.93 8.23
C TRP A 128 6.24 -1.59 6.90
N VAL A 129 7.04 -1.15 5.93
CA VAL A 129 6.65 -0.87 4.55
C VAL A 129 7.19 -2.00 3.69
N THR A 130 6.31 -2.57 2.83
CA THR A 130 6.66 -3.72 2.01
C THR A 130 6.35 -3.48 0.56
N GLY A 131 7.08 -4.16 -0.32
CA GLY A 131 6.82 -4.04 -1.74
C GLY A 131 7.86 -4.60 -2.67
N TRP A 132 7.50 -4.71 -3.94
CA TRP A 132 8.41 -5.17 -5.00
C TRP A 132 9.04 -3.96 -5.77
N GLY A 133 8.95 -2.78 -5.21
CA GLY A 133 9.49 -1.58 -5.85
C GLY A 133 11.00 -1.48 -5.84
N TYR A 134 11.49 -0.41 -6.45
CA TYR A 134 12.91 -0.10 -6.64
C TYR A 134 13.64 -0.02 -5.31
N ARG A 135 14.95 -0.31 -5.33
CA ARG A 135 15.83 -0.20 -4.14
C ARG A 135 16.48 1.17 -4.11
N LYS A 136 16.42 1.91 -5.22
CA LYS A 136 16.96 3.27 -5.40
C LYS A 136 16.17 3.96 -6.48
N LEU A 137 16.21 5.30 -6.55
CA LEU A 137 15.42 6.04 -7.54
C LEU A 137 15.61 5.54 -8.98
N ARG A 138 16.83 5.22 -9.39
CA ARG A 138 17.01 4.69 -10.75
C ARG A 138 17.34 3.19 -10.61
N ASP A 139 16.29 2.34 -10.60
CA ASP A 139 16.46 0.90 -10.40
C ASP A 139 15.42 0.12 -11.21
N LYS A 140 14.94 -1.00 -10.65
CA LYS A 140 13.96 -1.88 -11.27
C LYS A 140 13.10 -2.54 -10.20
N ILE A 141 11.96 -3.10 -10.64
CA ILE A 141 11.00 -3.88 -9.85
C ILE A 141 11.74 -5.13 -9.35
N GLN A 142 11.63 -5.39 -8.07
CA GLN A 142 12.32 -6.50 -7.42
C GLN A 142 11.54 -7.80 -7.55
N ASN A 143 12.27 -8.92 -7.71
CA ASN A 143 11.64 -10.23 -7.79
C ASN A 143 11.04 -10.60 -6.45
N THR A 144 11.81 -10.49 -5.34
CA THR A 144 11.36 -10.89 -4.00
C THR A 144 10.78 -9.70 -3.26
N LEU A 145 9.64 -9.91 -2.59
CA LEU A 145 8.97 -8.90 -1.76
C LEU A 145 9.97 -8.43 -0.69
N GLN A 146 10.22 -7.11 -0.61
CA GLN A 146 11.15 -6.54 0.38
C GLN A 146 10.36 -5.93 1.49
N LYS A 147 11.03 -5.75 2.66
CA LYS A 147 10.45 -5.18 3.86
C LYS A 147 11.43 -4.22 4.48
N ALA A 148 10.91 -3.15 5.13
CA ALA A 148 11.74 -2.19 5.87
C ALA A 148 10.98 -1.66 7.07
N LYS A 149 11.62 -1.65 8.26
CA LYS A 149 11.02 -1.09 9.49
C LYS A 149 11.31 0.39 9.47
N ILE A 150 10.25 1.19 9.57
CA ILE A 150 10.35 2.65 9.45
C ILE A 150 9.64 3.27 10.62
N PRO A 151 10.22 4.30 11.29
CA PRO A 151 9.49 4.94 12.39
C PRO A 151 8.45 5.94 11.87
N LEU A 152 7.29 5.98 12.52
CA LEU A 152 6.26 6.97 12.21
C LEU A 152 6.76 8.33 12.66
N VAL A 153 6.39 9.37 11.93
CA VAL A 153 6.77 10.76 12.17
C VAL A 153 5.48 11.57 12.44
N THR A 154 5.51 12.57 13.37
CA THR A 154 4.29 13.38 13.66
C THR A 154 3.95 14.24 12.44
N ASN A 155 2.68 14.70 12.35
CA ASN A 155 2.19 15.58 11.29
C ASN A 155 3.03 16.87 11.30
N GLU A 156 3.29 17.41 12.51
CA GLU A 156 4.07 18.65 12.72
C GLU A 156 5.48 18.51 12.14
N GLU A 157 6.17 17.42 12.48
CA GLU A 157 7.51 17.13 11.98
C GLU A 157 7.49 16.90 10.45
N CYS A 158 6.51 16.14 9.94
CA CYS A 158 6.39 15.91 8.51
C CYS A 158 6.10 17.18 7.71
N GLN A 159 5.32 18.11 8.30
CA GLN A 159 5.02 19.39 7.67
C GLN A 159 6.30 20.24 7.54
N LYS A 160 7.18 20.22 8.57
CA LYS A 160 8.49 20.92 8.54
C LYS A 160 9.32 20.46 7.35
N ARG A 161 9.24 19.14 7.02
CA ARG A 161 10.00 18.48 5.96
C ARG A 161 9.46 18.70 4.57
N TYR A 162 8.19 19.10 4.45
CA TYR A 162 7.55 19.33 3.17
C TYR A 162 7.02 20.75 3.06
N ARG A 163 7.95 21.71 3.05
CA ARG A 163 7.63 23.13 2.89
C ARG A 163 7.05 23.31 1.48
N GLY A 164 5.92 24.00 1.38
CA GLY A 164 5.26 24.20 0.10
C GLY A 164 4.13 23.23 -0.16
N HIS A 165 4.00 22.19 0.68
CA HIS A 165 2.93 21.20 0.59
C HIS A 165 2.05 21.35 1.79
N LYS A 166 0.85 20.76 1.76
CA LYS A 166 -0.03 20.78 2.90
C LYS A 166 -0.20 19.34 3.39
N ILE A 167 0.50 18.99 4.49
CA ILE A 167 0.39 17.66 5.11
C ILE A 167 -0.83 17.70 6.04
N THR A 168 -1.91 17.07 5.60
CA THR A 168 -3.18 16.99 6.30
C THR A 168 -3.17 15.85 7.30
N HIS A 169 -4.13 15.82 8.24
CA HIS A 169 -4.21 14.73 9.22
C HIS A 169 -4.77 13.41 8.60
N LYS A 170 -5.16 13.47 7.30
CA LYS A 170 -5.58 12.32 6.48
C LYS A 170 -4.33 11.68 5.82
N MET A 171 -3.15 12.24 6.14
CA MET A 171 -1.84 11.73 5.73
C MET A 171 -1.05 11.34 6.97
N ILE A 172 -0.20 10.34 6.85
CA ILE A 172 0.68 9.90 7.93
C ILE A 172 2.06 9.65 7.30
N CYS A 173 3.12 10.17 7.92
CA CYS A 173 4.48 10.06 7.38
C CYS A 173 5.32 9.12 8.19
N ALA A 174 6.35 8.58 7.56
CA ALA A 174 7.28 7.65 8.17
C ALA A 174 8.62 7.73 7.50
N GLY A 175 9.64 7.74 8.31
CA GLY A 175 11.01 7.79 7.81
C GLY A 175 11.99 8.16 8.89
N TYR A 176 13.28 7.81 8.68
CA TYR A 176 14.40 8.17 9.55
C TYR A 176 14.86 9.56 9.18
N ARG A 177 15.23 10.39 10.19
CA ARG A 177 15.70 11.74 9.91
C ARG A 177 16.85 11.74 8.88
N GLU A 178 17.75 10.75 8.95
CA GLU A 178 18.88 10.66 8.04
C GLU A 178 18.58 9.91 6.73
N GLY A 179 17.35 9.42 6.58
CA GLY A 179 16.92 8.67 5.40
C GLY A 179 17.44 7.26 5.42
N GLY A 180 17.53 6.64 4.25
CA GLY A 180 18.09 5.30 4.13
C GLY A 180 17.09 4.17 3.98
N LYS A 181 15.89 4.30 4.57
CA LYS A 181 14.85 3.27 4.48
C LYS A 181 13.54 3.93 4.09
N ASP A 182 12.93 3.47 3.00
CA ASP A 182 11.67 4.07 2.50
C ASP A 182 11.05 3.20 1.43
N ALA A 183 9.83 3.60 0.98
CA ALA A 183 9.19 3.07 -0.20
C ALA A 183 9.86 3.76 -1.40
N CYS A 184 9.72 3.16 -2.59
CA CYS A 184 10.21 3.76 -3.83
C CYS A 184 9.30 3.32 -4.97
N LYS A 185 9.65 3.62 -6.23
CA LYS A 185 8.81 3.30 -7.40
C LYS A 185 8.40 1.84 -7.46
N GLY A 186 7.10 1.60 -7.54
CA GLY A 186 6.54 0.25 -7.59
C GLY A 186 5.95 -0.21 -6.27
N ASP A 187 6.24 0.54 -5.20
CA ASP A 187 5.76 0.19 -3.85
C ASP A 187 4.38 0.77 -3.54
N SER A 188 4.02 1.84 -4.27
CA SER A 188 2.78 2.58 -4.04
C SER A 188 1.55 1.69 -4.03
N GLY A 189 0.62 2.00 -3.12
CA GLY A 189 -0.61 1.23 -2.98
C GLY A 189 -0.48 0.15 -1.94
N GLY A 190 0.76 -0.21 -1.65
CA GLY A 190 1.07 -1.26 -0.69
C GLY A 190 0.81 -0.78 0.72
N PRO A 191 0.92 -1.71 1.69
CA PRO A 191 0.65 -1.33 3.08
C PRO A 191 1.83 -0.74 3.83
N LEU A 192 1.49 -0.04 4.89
CA LEU A 192 2.38 0.36 5.98
C LEU A 192 1.63 -0.35 7.15
N SER A 193 2.18 -1.49 7.56
CA SER A 193 1.60 -2.41 8.55
C SER A 193 2.29 -2.25 9.89
N CYS A 194 1.50 -2.02 10.95
CA CYS A 194 2.00 -1.81 12.30
C CYS A 194 1.41 -2.85 13.25
N LYS A 195 2.27 -3.48 14.04
CA LYS A 195 1.90 -4.52 15.01
C LYS A 195 1.71 -3.86 16.39
N HIS A 196 0.52 -4.02 16.95
CA HIS A 196 0.12 -3.46 18.22
C HIS A 196 -0.77 -4.49 18.90
N ASN A 197 -0.41 -4.86 20.15
CA ASN A 197 -1.09 -5.88 20.98
C ASN A 197 -1.13 -7.22 20.23
N GLU A 198 0.02 -7.59 19.63
CA GLU A 198 0.26 -8.80 18.83
C GLU A 198 -0.66 -8.94 17.58
N VAL A 199 -1.30 -7.85 17.14
CA VAL A 199 -2.20 -7.78 15.96
C VAL A 199 -1.62 -6.76 14.98
N TRP A 200 -1.58 -7.10 13.69
CA TRP A 200 -1.13 -6.22 12.64
C TRP A 200 -2.30 -5.40 12.17
N HIS A 201 -2.06 -4.10 11.94
CA HIS A 201 -3.10 -3.19 11.46
C HIS A 201 -2.61 -2.43 10.24
N LEU A 202 -3.51 -2.20 9.29
CA LEU A 202 -3.20 -1.43 8.09
C LEU A 202 -3.22 0.05 8.46
N VAL A 203 -2.07 0.60 8.84
CA VAL A 203 -1.97 1.98 9.31
C VAL A 203 -1.87 2.97 8.14
N GLY A 204 -1.17 2.58 7.07
CA GLY A 204 -1.03 3.44 5.89
C GLY A 204 -1.02 2.73 4.55
N ILE A 205 -1.20 3.52 3.47
CA ILE A 205 -1.10 3.10 2.06
C ILE A 205 0.01 3.96 1.47
N THR A 206 1.07 3.34 0.91
CA THR A 206 2.22 4.05 0.28
C THR A 206 1.68 5.00 -0.76
N SER A 207 1.97 6.31 -0.61
CA SER A 207 1.40 7.32 -1.49
C SER A 207 2.42 8.17 -2.24
N TRP A 208 3.17 9.02 -1.52
CA TRP A 208 4.12 9.91 -2.20
C TRP A 208 5.30 10.35 -1.32
N GLY A 209 6.30 10.97 -1.93
CA GLY A 209 7.46 11.49 -1.24
C GLY A 209 8.36 12.23 -2.21
N GLU A 210 9.31 13.04 -1.70
CA GLU A 210 10.26 13.75 -2.58
C GLU A 210 11.47 12.81 -2.71
N GLY A 211 11.55 12.06 -3.82
CA GLY A 211 12.60 11.07 -4.06
C GLY A 211 12.38 9.85 -3.19
N CYS A 212 13.41 8.97 -3.04
CA CYS A 212 13.31 7.75 -2.22
C CYS A 212 14.35 7.76 -1.11
N ALA A 213 13.91 7.62 0.16
CA ALA A 213 14.74 7.51 1.37
C ALA A 213 15.72 8.65 1.56
N GLN A 214 15.35 9.87 1.12
CA GLN A 214 16.27 11.00 1.30
C GLN A 214 16.23 11.48 2.73
N ARG A 215 17.35 12.04 3.17
CA ARG A 215 17.46 12.63 4.51
C ARG A 215 16.36 13.73 4.61
N GLU A 216 15.63 13.74 5.72
CA GLU A 216 14.60 14.73 6.04
C GLU A 216 13.45 14.80 5.03
N ARG A 217 13.14 13.66 4.36
CA ARG A 217 12.01 13.56 3.42
C ARG A 217 11.27 12.24 3.75
N PRO A 218 10.40 12.25 4.81
CA PRO A 218 9.68 11.00 5.13
C PRO A 218 8.72 10.61 4.02
N GLY A 219 8.40 9.32 3.91
CA GLY A 219 7.42 8.83 2.96
C GLY A 219 6.07 9.27 3.46
N VAL A 220 5.13 9.63 2.56
CA VAL A 220 3.79 10.09 2.89
C VAL A 220 2.82 9.04 2.47
N TYR A 221 1.98 8.62 3.43
CA TYR A 221 1.02 7.54 3.35
C TYR A 221 -0.39 8.03 3.60
N THR A 222 -1.39 7.35 3.00
CA THR A 222 -2.78 7.65 3.30
C THR A 222 -2.97 7.17 4.75
N ASN A 223 -3.52 8.00 5.63
CA ASN A 223 -3.76 7.61 7.03
C ASN A 223 -5.08 6.85 7.07
N VAL A 224 -4.97 5.51 7.00
CA VAL A 224 -6.12 4.61 6.86
C VAL A 224 -7.18 4.83 7.95
N VAL A 225 -6.78 5.05 9.22
CA VAL A 225 -7.75 5.29 10.32
C VAL A 225 -8.79 6.37 9.92
N GLU A 226 -8.39 7.37 9.15
CA GLU A 226 -9.26 8.48 8.71
C GLU A 226 -10.23 8.13 7.62
N TYR A 227 -10.14 6.90 7.07
CA TYR A 227 -10.96 6.42 5.97
C TYR A 227 -11.77 5.19 6.30
N VAL A 228 -11.75 4.73 7.56
CA VAL A 228 -12.52 3.56 7.99
C VAL A 228 -14.00 3.69 7.61
N ASP A 229 -14.64 4.85 7.87
CA ASP A 229 -16.06 5.03 7.50
C ASP A 229 -16.25 4.92 5.98
N TRP A 230 -15.34 5.52 5.22
CA TRP A 230 -15.43 5.45 3.75
C TRP A 230 -15.28 4.02 3.29
N ILE A 231 -14.32 3.25 3.86
CA ILE A 231 -14.12 1.82 3.45
C ILE A 231 -15.39 1.03 3.78
N LEU A 232 -15.96 1.23 4.98
CA LEU A 232 -17.19 0.54 5.37
C LEU A 232 -18.35 0.93 4.48
N GLU A 233 -18.47 2.22 4.11
CA GLU A 233 -19.52 2.71 3.19
C GLU A 233 -19.51 1.96 1.90
N LYS A 234 -18.31 1.79 1.35
CA LYS A 234 -18.12 1.15 0.06
C LYS A 234 -18.21 -0.37 0.10
N THR A 235 -17.64 -1.02 1.15
CA THR A 235 -17.62 -2.50 1.25
C THR A 235 -18.92 -3.09 1.89
N GLN A 236 -19.66 -2.29 2.71
CA GLN A 236 -20.87 -2.72 3.42
C GLN A 236 -22.15 -2.09 2.88
N ALA A 237 -22.14 -1.60 1.62
CA ALA A 237 -23.30 -1.02 0.94
C ALA A 237 -24.45 -2.07 0.90
N VAL A 238 -25.71 -1.63 1.16
CA VAL A 238 -26.87 -2.56 1.19
C VAL A 238 -27.34 -3.01 -0.21
C20 7P0 B . 6.00 3.53 -10.37
O22 7P0 B . 6.66 4.48 -10.78
C21 7P0 B . 6.09 2.20 -11.06
C23 7P0 B . 5.06 1.26 -10.96
C24 7P0 B . 5.16 0.03 -11.60
C27 7P0 B . 6.26 -0.26 -12.41
C26 7P0 B . 7.29 0.70 -12.56
C25 7P0 B . 7.19 1.92 -11.86
C31 7P0 B . 8.34 0.36 -13.49
C30 7P0 B . 8.35 -0.83 -14.15
C29 7P0 B . 7.33 -1.81 -13.96
O32 7P0 B . 7.36 -2.94 -14.48
N28 7P0 B . 6.33 -1.47 -13.10
O40 7P0 B . 9.26 1.28 -13.65
N19 7P0 B . 5.16 3.62 -9.32
C17 7P0 B . 4.91 4.87 -8.62
C16 7P0 B . 5.34 4.69 -7.17
O39 7P0 B . 5.36 3.57 -6.66
C18 7P0 B . 3.43 5.27 -8.66
C33 7P0 B . 2.76 5.05 -10.00
C34 7P0 B . 1.79 4.07 -10.14
C38 7P0 B . 3.22 5.71 -11.13
C35 7P0 B . 1.34 3.70 -11.40
C37 7P0 B . 2.75 5.35 -12.38
C36 7P0 B . 1.82 4.34 -12.52
C1 7P0 B . 8.61 7.76 -1.85
C2 7P0 B . 7.91 7.47 -0.69
C3 7P0 B . 6.61 7.03 -0.77
C4 7P0 B . 5.98 6.88 -1.99
C5 7P0 B . 6.65 7.19 -3.17
C6 7P0 B . 7.99 7.63 -3.09
CL7 7P0 B . 5.73 6.65 0.70
N8 7P0 B . 8.70 7.99 -4.27
C9 7P0 B . 9.08 9.18 -4.78
N10 7P0 B . 9.68 9.00 -5.92
N11 7P0 B . 9.68 7.66 -6.13
N12 7P0 B . 9.10 7.04 -5.15
C13 7P0 B . 5.89 7.13 -4.47
C14 7P0 B . 6.07 5.79 -5.12
N15 7P0 B . 5.63 5.81 -6.50
H23 7P0 B . 4.13 1.49 -10.45
H25 7P0 B . 8.00 2.64 -11.91
H24 7P0 B . 4.36 -0.70 -11.44
H28 7P0 B . 5.58 -2.13 -12.96
H30 7P0 B . 9.12 -1.09 -14.86
H40 7P0 B . 9.95 1.00 -14.30
H19 7P0 B . 4.69 2.81 -8.91
H17 7P0 B . 5.46 5.68 -9.08
H181 7P0 B . 2.87 4.75 -7.89
H182 7P0 B . 3.33 6.32 -8.38
H34 7P0 B . 1.37 3.60 -9.26
H38 7P0 B . 3.94 6.52 -11.03
H35 7P0 B . 0.59 2.92 -11.48
H37 7P0 B . 3.12 5.89 -13.27
H36 7P0 B . 1.48 4.04 -13.51
H1 7P0 B . 9.65 8.06 -1.78
H2 7P0 B . 8.38 7.61 0.28
H4 7P0 B . 4.95 6.51 -2.02
H9 7P0 B . 8.92 10.14 -4.30
H131 7P0 B . 6.19 7.94 -5.12
H132 7P0 B . 4.83 7.32 -4.31
H141 7P0 B . 7.07 5.41 -5.01
H142 7P0 B . 5.45 5.07 -4.57
H15 7P0 B . 5.53 6.72 -6.94
S SO4 C . 14.65 21.14 12.67
O1 SO4 C . 14.70 22.54 13.11
O2 SO4 C . 14.33 21.12 11.25
O3 SO4 C . 13.63 20.43 13.43
O4 SO4 C . 15.94 20.50 12.90
C1 EDO D . 7.23 9.76 -9.23
O1 EDO D . 7.19 10.51 -8.02
C2 EDO D . 6.89 8.30 -8.95
O2 EDO D . 5.74 8.21 -8.15
C1 EDO E . -12.88 -17.50 3.81
O1 EDO E . -11.75 -18.19 3.33
C2 EDO E . -13.00 -16.11 3.16
O2 EDO E . -13.36 -16.20 1.79
C1 EDO F . 9.58 -20.76 0.17
O1 EDO F . 9.97 -21.48 1.35
C2 EDO F . 10.69 -19.85 -0.38
O2 EDO F . 10.40 -19.56 -1.74
C1 EDO G . 4.37 -12.92 0.84
O1 EDO G . 5.09 -14.17 0.69
C2 EDO G . 3.14 -13.12 1.79
O2 EDO G . 2.02 -13.81 1.13
C1 EDO H . 10.09 12.74 -7.23
O1 EDO H . 9.72 12.49 -5.91
C2 EDO H . 11.11 11.67 -7.65
O2 EDO H . 10.41 10.59 -8.23
C1 EDO I . 7.16 14.65 -5.37
O1 EDO I . 6.34 13.50 -5.64
C2 EDO I . 6.56 15.37 -4.14
O2 EDO I . 7.19 16.63 -3.89
C1 EDO J . -5.56 19.35 8.15
O1 EDO J . -4.86 18.91 9.31
C2 EDO J . -6.99 18.80 8.16
O2 EDO J . -7.00 17.40 7.90
C1 EDO K . 2.59 9.79 -6.51
O1 EDO K . 3.51 9.01 -5.82
C2 EDO K . 2.21 9.12 -7.86
O2 EDO K . 3.29 9.26 -8.76
C1 EDO L . 12.03 13.14 10.02
O1 EDO L . 12.49 14.45 10.24
C2 EDO L . 12.43 12.86 8.57
O2 EDO L . 12.04 11.54 8.30
C1 EDO M . 0.59 13.73 -8.01
O1 EDO M . 0.74 14.02 -6.62
C2 EDO M . 0.45 12.22 -8.34
O2 EDO M . -0.86 11.76 -8.08
#